data_7P8X
#
_entry.id   7P8X
#
_cell.length_a   63.298
_cell.length_b   72.411
_cell.length_c   79.001
_cell.angle_alpha   90
_cell.angle_beta   90
_cell.angle_gamma   90
#
_symmetry.space_group_name_H-M   'P 21 21 21'
#
loop_
_entity.id
_entity.type
_entity.pdbx_description
1 polymer 'Leucotoxin LukEv'
2 polymer 'C-C chemokine receptor type 2'
3 non-polymer IMIDAZOLE
4 non-polymer 'SULFATE ION'
5 water water
#
loop_
_entity_poly.entity_id
_entity_poly.type
_entity_poly.pdbx_seq_one_letter_code
_entity_poly.pdbx_strand_id
1 'polypeptide(L)'
;MSVGLIAPLASPIQESRANTNIENIGDGAEVIKRTEDVSSKKWGVTQNVQFDFVKDKKYNKDALIVKMQGFINSRTSFSD
VKGSGYELTKRMIWPFQYNIGLTTKDPNVSLINYLPKNKIETTDVGQTLGYNIGGNFQSAPSIGGNGSFNYSKTISYTQK
SYVSEVDKQNSKSVKWGVKANEFVTPDGKKSAHDRYLFVQSPNGPTGSAREYFAPDNQLPPLVQSGFNPSFITTLSHEKG
SSDTSEFEISYGRNLDITYATLFPRTGIYAERKHNAFVNRNFVVRYEVNWKTHEIKVKGHNKHHHHHH
;
A
2 'polypeptide(L)' (ACE)D(TYS)D(TYS)G M
#
# COMPACT_ATOMS: atom_id res chain seq x y z
N ALA A 18 -11.64 2.95 -27.60
CA ALA A 18 -12.60 1.88 -27.38
C ALA A 18 -13.85 2.33 -26.58
N ASN A 19 -13.76 2.65 -25.25
CA ASN A 19 -14.96 3.05 -24.51
C ASN A 19 -14.75 4.10 -23.41
N THR A 20 -15.84 4.82 -23.11
CA THR A 20 -16.11 5.81 -22.06
C THR A 20 -14.97 6.90 -21.91
N ASN A 21 -14.15 6.92 -20.83
CA ASN A 21 -13.15 7.95 -20.55
C ASN A 21 -11.92 7.80 -21.42
N ILE A 22 -11.86 8.57 -22.51
CA ILE A 22 -10.78 8.47 -23.48
C ILE A 22 -10.09 9.81 -23.60
N GLU A 23 -8.76 9.82 -23.44
CA GLU A 23 -8.02 11.08 -23.55
C GLU A 23 -7.08 10.98 -24.76
N ASN A 24 -7.20 11.93 -25.73
CA ASN A 24 -6.26 11.91 -26.85
C ASN A 24 -4.96 12.50 -26.28
N ILE A 25 -3.84 11.80 -26.45
CA ILE A 25 -2.56 12.30 -25.91
C ILE A 25 -1.54 12.72 -26.99
N GLY A 26 -1.99 12.86 -28.21
N GLY A 26 -1.97 12.73 -28.25
CA GLY A 26 -1.17 13.19 -29.36
CA GLY A 26 -1.14 13.04 -29.40
C GLY A 26 -1.62 12.36 -30.56
C GLY A 26 -1.61 12.34 -30.66
N ASP A 27 -0.99 12.57 -31.72
N ASP A 27 -0.84 12.45 -31.75
CA ASP A 27 -1.40 11.86 -32.92
CA ASP A 27 -1.24 11.84 -33.02
C ASP A 27 -1.16 10.39 -32.84
C ASP A 27 -1.09 10.33 -33.00
N GLY A 28 -2.21 9.64 -33.18
CA GLY A 28 -2.24 8.19 -33.24
C GLY A 28 -2.25 7.55 -31.87
N ALA A 29 -2.42 8.37 -30.78
CA ALA A 29 -2.38 7.81 -29.43
C ALA A 29 -3.44 8.33 -28.47
N GLU A 30 -3.92 7.44 -27.63
CA GLU A 30 -4.93 7.81 -26.64
C GLU A 30 -4.81 6.95 -25.40
N VAL A 31 -5.42 7.40 -24.33
CA VAL A 31 -5.44 6.62 -23.10
C VAL A 31 -6.91 6.32 -22.77
N ILE A 32 -7.22 5.05 -22.50
CA ILE A 32 -8.56 4.62 -22.13
C ILE A 32 -8.54 4.34 -20.63
N LYS A 33 -9.35 5.04 -19.86
CA LYS A 33 -9.31 5.03 -18.40
C LYS A 33 -10.42 4.24 -17.79
N ARG A 34 -10.07 3.22 -17.01
CA ARG A 34 -11.04 2.38 -16.29
C ARG A 34 -10.76 2.51 -14.81
N THR A 35 -11.76 2.17 -14.00
CA THR A 35 -11.56 2.15 -12.53
C THR A 35 -12.26 0.96 -11.94
N GLU A 36 -11.80 0.57 -10.77
CA GLU A 36 -12.52 -0.41 -9.96
C GLU A 36 -12.39 -0.01 -8.53
N ASP A 37 -13.44 -0.25 -7.75
N ASP A 37 -13.44 -0.26 -7.76
CA ASP A 37 -13.43 0.01 -6.32
CA ASP A 37 -13.46 0.03 -6.34
C ASP A 37 -13.88 -1.27 -5.68
C ASP A 37 -13.90 -1.26 -5.66
N VAL A 38 -13.04 -1.85 -4.83
CA VAL A 38 -13.34 -3.13 -4.21
C VAL A 38 -12.93 -3.04 -2.76
N SER A 39 -13.88 -3.28 -1.85
CA SER A 39 -13.58 -3.18 -0.43
C SER A 39 -13.86 -4.50 0.28
N SER A 40 -13.28 -4.62 1.48
CA SER A 40 -13.50 -5.75 2.36
C SER A 40 -13.70 -5.20 3.78
N LYS A 41 -14.90 -5.35 4.35
CA LYS A 41 -15.06 -4.94 5.76
C LYS A 41 -14.28 -5.93 6.66
N LYS A 42 -14.18 -7.22 6.28
CA LYS A 42 -13.45 -8.21 7.07
C LYS A 42 -11.98 -7.80 7.21
N TRP A 43 -11.35 -7.48 6.08
CA TRP A 43 -9.93 -7.13 6.10
C TRP A 43 -9.67 -5.64 6.38
N GLY A 44 -10.70 -4.80 6.37
CA GLY A 44 -10.49 -3.37 6.62
C GLY A 44 -9.69 -2.73 5.51
N VAL A 45 -10.11 -2.99 4.26
CA VAL A 45 -9.37 -2.46 3.12
C VAL A 45 -10.31 -1.96 2.07
N THR A 46 -9.90 -0.89 1.39
CA THR A 46 -10.57 -0.44 0.17
C THR A 46 -9.47 -0.34 -0.89
N GLN A 47 -9.68 -1.04 -2.03
CA GLN A 47 -8.81 -0.86 -3.20
C GLN A 47 -9.55 0.09 -4.15
N ASN A 48 -9.02 1.28 -4.40
N ASN A 48 -8.96 1.24 -4.46
CA ASN A 48 -9.57 2.20 -5.39
CA ASN A 48 -9.51 2.24 -5.37
C ASN A 48 -8.48 2.22 -6.44
C ASN A 48 -8.51 2.32 -6.51
N VAL A 49 -8.69 1.48 -7.53
CA VAL A 49 -7.65 1.30 -8.53
C VAL A 49 -8.04 1.95 -9.85
N GLN A 50 -7.05 2.55 -10.50
CA GLN A 50 -7.20 3.14 -11.82
C GLN A 50 -6.40 2.28 -12.78
N PHE A 51 -6.94 2.05 -13.97
CA PHE A 51 -6.29 1.22 -14.98
C PHE A 51 -6.36 1.96 -16.28
N ASP A 52 -5.21 2.48 -16.73
CA ASP A 52 -5.19 3.32 -17.92
C ASP A 52 -4.48 2.60 -19.04
N PHE A 53 -5.21 2.29 -20.10
CA PHE A 53 -4.61 1.64 -21.27
C PHE A 53 -3.96 2.68 -22.15
N VAL A 54 -2.70 2.45 -22.51
CA VAL A 54 -2.03 3.35 -23.47
C VAL A 54 -2.19 2.70 -24.81
N LYS A 55 -2.88 3.39 -25.72
N LYS A 55 -2.89 3.38 -25.75
CA LYS A 55 -3.07 2.90 -27.06
CA LYS A 55 -3.14 2.85 -27.10
C LYS A 55 -2.24 3.81 -27.93
C LYS A 55 -2.38 3.73 -28.10
N ASP A 56 -1.22 3.25 -28.55
CA ASP A 56 -0.34 4.04 -29.41
C ASP A 56 0.05 3.22 -30.60
N LYS A 57 -0.34 3.69 -31.77
CA LYS A 57 -0.06 2.95 -32.99
C LYS A 57 1.45 2.80 -33.23
N LYS A 58 2.28 3.66 -32.60
CA LYS A 58 3.72 3.58 -32.77
C LYS A 58 4.45 2.82 -31.67
N TYR A 59 3.70 2.04 -30.88
CA TYR A 59 4.25 1.21 -29.83
C TYR A 59 3.73 -0.20 -30.14
N ASN A 60 4.62 -1.20 -30.24
CA ASN A 60 4.16 -2.55 -30.60
C ASN A 60 3.63 -3.34 -29.43
N LYS A 61 3.50 -2.72 -28.25
CA LYS A 61 2.95 -3.40 -27.11
C LYS A 61 1.75 -2.63 -26.59
N ASP A 62 0.85 -3.33 -25.94
CA ASP A 62 -0.21 -2.70 -25.18
C ASP A 62 0.45 -2.38 -23.79
N ALA A 63 -0.09 -1.40 -23.08
CA ALA A 63 0.42 -1.08 -21.76
C ALA A 63 -0.73 -0.64 -20.90
N LEU A 64 -0.74 -1.10 -19.66
CA LEU A 64 -1.78 -0.72 -18.73
C LEU A 64 -1.10 -0.15 -17.50
N ILE A 65 -1.30 1.16 -17.28
CA ILE A 65 -0.77 1.82 -16.10
C ILE A 65 -1.73 1.60 -14.99
N VAL A 66 -1.30 0.89 -13.93
CA VAL A 66 -2.20 0.60 -12.81
C VAL A 66 -1.81 1.46 -11.61
N LYS A 67 -2.73 2.31 -11.13
CA LYS A 67 -2.47 3.18 -9.98
C LYS A 67 -3.36 2.73 -8.84
N MET A 68 -2.71 2.28 -7.78
CA MET A 68 -3.33 1.65 -6.63
C MET A 68 -3.48 2.66 -5.49
N GLN A 69 -4.73 3.05 -5.20
CA GLN A 69 -5.03 3.94 -4.08
C GLN A 69 -6.11 3.28 -3.20
N GLY A 70 -6.63 4.00 -2.21
CA GLY A 70 -7.62 3.40 -1.33
C GLY A 70 -7.20 3.55 0.11
N PHE A 71 -7.47 2.54 0.90
CA PHE A 71 -7.24 2.67 2.34
C PHE A 71 -6.98 1.31 2.95
N ILE A 72 -6.04 1.27 3.88
CA ILE A 72 -5.79 0.05 4.64
C ILE A 72 -5.92 0.46 6.11
N ASN A 73 -6.90 -0.10 6.80
CA ASN A 73 -7.13 0.23 8.20
C ASN A 73 -5.90 -0.22 9.02
N SER A 74 -5.52 0.57 10.03
CA SER A 74 -4.37 0.18 10.84
C SER A 74 -4.67 -1.07 11.63
N ARG A 75 -5.95 -1.30 11.98
CA ARG A 75 -6.36 -2.44 12.82
C ARG A 75 -5.70 -2.33 14.19
N THR A 76 -5.36 -1.10 14.63
CA THR A 76 -4.80 -0.91 15.98
C THR A 76 -5.87 -1.17 17.01
N SER A 77 -5.51 -1.87 18.09
CA SER A 77 -6.45 -2.09 19.17
C SER A 77 -5.71 -2.25 20.47
N PHE A 78 -6.45 -2.04 21.57
CA PHE A 78 -5.91 -2.10 22.93
C PHE A 78 -6.85 -3.00 23.69
N SER A 79 -6.32 -4.06 24.34
N SER A 79 -6.32 -4.05 24.35
CA SER A 79 -7.17 -5.02 25.00
CA SER A 79 -7.20 -4.99 25.03
C SER A 79 -6.62 -5.56 26.30
C SER A 79 -6.63 -5.58 26.30
N ASP A 80 -7.51 -6.14 27.13
CA ASP A 80 -7.09 -6.83 28.32
C ASP A 80 -6.58 -8.21 27.88
N VAL A 81 -5.81 -8.84 28.72
CA VAL A 81 -5.30 -10.18 28.46
C VAL A 81 -5.97 -11.07 29.51
N LYS A 82 -6.76 -12.06 29.04
CA LYS A 82 -7.49 -12.96 29.96
C LYS A 82 -6.56 -13.95 30.65
N GLY A 83 -7.02 -14.57 31.74
CA GLY A 83 -6.26 -15.60 32.43
C GLY A 83 -5.48 -15.21 33.67
N SER A 84 -5.18 -16.22 34.51
CA SER A 84 -4.43 -16.04 35.73
C SER A 84 -2.99 -15.62 35.45
N GLY A 85 -2.51 -14.62 36.19
CA GLY A 85 -1.18 -14.07 36.02
C GLY A 85 -1.09 -12.94 35.01
N TYR A 86 -2.17 -12.70 34.22
CA TYR A 86 -2.20 -11.62 33.22
C TYR A 86 -3.18 -10.46 33.57
N GLU A 87 -3.65 -10.36 34.83
CA GLU A 87 -4.61 -9.31 35.25
C GLU A 87 -4.14 -7.88 35.02
N LEU A 88 -2.83 -7.64 35.15
CA LEU A 88 -2.27 -6.32 34.90
C LEU A 88 -1.41 -6.30 33.63
N THR A 89 -1.71 -7.19 32.66
CA THR A 89 -1.01 -7.27 31.37
C THR A 89 -2.01 -6.83 30.30
N LYS A 90 -1.64 -5.83 29.52
CA LYS A 90 -2.51 -5.31 28.46
C LYS A 90 -1.82 -5.46 27.11
N ARG A 91 -2.62 -5.49 26.06
CA ARG A 91 -2.10 -5.77 24.72
C ARG A 91 -2.43 -4.65 23.75
N MET A 92 -1.43 -4.19 23.01
CA MET A 92 -1.68 -3.25 21.90
C MET A 92 -1.28 -3.94 20.61
N ILE A 93 -2.19 -4.05 19.66
CA ILE A 93 -1.91 -4.60 18.33
C ILE A 93 -1.81 -3.37 17.43
N TRP A 94 -0.78 -3.34 16.58
CA TRP A 94 -0.59 -2.18 15.72
C TRP A 94 0.20 -2.57 14.48
N PRO A 95 0.06 -1.83 13.40
CA PRO A 95 0.68 -2.25 12.13
C PRO A 95 2.16 -1.86 12.04
N PHE A 96 3.02 -2.86 11.99
CA PHE A 96 4.43 -2.60 11.76
C PHE A 96 4.67 -2.30 10.28
N GLN A 97 3.84 -2.88 9.38
CA GLN A 97 4.06 -2.63 7.97
C GLN A 97 2.77 -2.74 7.20
N TYR A 98 2.62 -1.84 6.21
CA TYR A 98 1.51 -2.00 5.25
C TYR A 98 2.10 -2.68 4.01
N ASN A 99 1.34 -3.60 3.43
CA ASN A 99 1.74 -4.38 2.27
C ASN A 99 0.90 -3.99 1.07
N ILE A 100 1.58 -3.66 -0.06
CA ILE A 100 0.86 -3.37 -1.31
C ILE A 100 1.58 -4.13 -2.38
N GLY A 101 0.86 -4.94 -3.15
CA GLY A 101 1.53 -5.66 -4.23
C GLY A 101 0.63 -5.98 -5.37
N LEU A 102 1.28 -6.26 -6.50
CA LEU A 102 0.56 -6.67 -7.69
C LEU A 102 1.34 -7.82 -8.27
N THR A 103 0.63 -8.95 -8.56
N THR A 103 0.65 -8.95 -8.54
CA THR A 103 1.30 -10.12 -9.07
CA THR A 103 1.29 -10.15 -9.07
C THR A 103 0.53 -10.69 -10.28
C THR A 103 0.53 -10.69 -10.27
N THR A 104 1.27 -11.23 -11.24
CA THR A 104 0.64 -11.96 -12.35
C THR A 104 1.38 -13.28 -12.54
N LYS A 105 0.71 -14.25 -13.21
CA LYS A 105 1.37 -15.54 -13.57
C LYS A 105 1.27 -15.78 -15.08
N ASP A 106 0.49 -14.93 -15.79
CA ASP A 106 0.29 -15.22 -17.21
C ASP A 106 1.55 -14.91 -17.99
N PRO A 107 2.04 -15.87 -18.79
CA PRO A 107 3.18 -15.59 -19.67
C PRO A 107 2.96 -14.37 -20.57
N ASN A 108 1.67 -14.00 -20.84
CA ASN A 108 1.43 -12.92 -21.77
C ASN A 108 1.57 -11.52 -21.16
N VAL A 109 1.96 -11.40 -19.88
CA VAL A 109 2.07 -10.07 -19.30
C VAL A 109 3.32 -9.94 -18.46
N SER A 110 3.90 -8.74 -18.50
CA SER A 110 5.07 -8.39 -17.70
CA SER A 110 5.07 -8.41 -17.66
C SER A 110 5.01 -7.01 -17.12
N LEU A 111 5.65 -6.78 -15.97
CA LEU A 111 5.72 -5.46 -15.35
C LEU A 111 6.95 -4.80 -15.89
N ILE A 112 6.77 -3.56 -16.38
CA ILE A 112 7.89 -2.82 -17.01
C ILE A 112 8.31 -1.56 -16.26
N ASN A 113 7.54 -1.16 -15.25
CA ASN A 113 7.98 -0.08 -14.37
C ASN A 113 7.15 -0.13 -13.11
N TYR A 114 7.66 0.54 -12.09
CA TYR A 114 6.96 0.57 -10.80
C TYR A 114 7.40 1.84 -10.06
N LEU A 115 6.46 2.39 -9.28
CA LEU A 115 6.71 3.61 -8.53
C LEU A 115 6.08 3.52 -7.16
N PRO A 116 6.83 3.82 -6.10
CA PRO A 116 8.28 4.16 -6.10
C PRO A 116 9.13 2.98 -6.54
N LYS A 117 10.26 3.31 -7.21
CA LYS A 117 11.21 2.31 -7.68
C LYS A 117 12.29 2.02 -6.65
N ASN A 118 12.54 2.96 -5.74
CA ASN A 118 13.59 2.82 -4.75
C ASN A 118 13.06 3.15 -3.37
N LYS A 119 13.85 2.82 -2.33
CA LYS A 119 13.47 3.13 -0.97
C LYS A 119 13.27 4.64 -0.80
N ILE A 120 12.23 5.04 -0.08
CA ILE A 120 11.94 6.43 0.16
C ILE A 120 11.56 6.63 1.60
N GLU A 121 12.30 7.49 2.28
CA GLU A 121 12.12 7.67 3.73
C GLU A 121 11.45 9.01 4.13
N THR A 122 11.17 9.87 3.14
CA THR A 122 10.54 11.16 3.43
C THR A 122 9.10 10.99 3.89
N THR A 123 8.60 11.92 4.76
CA THR A 123 7.21 11.87 5.25
C THR A 123 6.23 11.91 4.08
N ASP A 124 6.52 12.78 3.07
CA ASP A 124 5.66 12.83 1.90
C ASP A 124 6.36 12.16 0.73
N VAL A 125 5.60 11.41 -0.07
CA VAL A 125 6.12 10.75 -1.26
C VAL A 125 5.26 11.26 -2.41
N GLY A 126 5.92 11.80 -3.43
CA GLY A 126 5.22 12.35 -4.59
C GLY A 126 6.08 12.08 -5.79
N GLN A 127 5.59 11.26 -6.73
CA GLN A 127 6.41 10.89 -7.89
C GLN A 127 5.54 10.86 -9.15
N THR A 128 6.18 10.84 -10.31
CA THR A 128 5.45 10.88 -11.58
C THR A 128 5.94 9.84 -12.55
N LEU A 129 5.03 9.19 -13.24
CA LEU A 129 5.37 8.31 -14.38
C LEU A 129 4.92 9.05 -15.64
N GLY A 130 5.83 9.26 -16.55
CA GLY A 130 5.53 9.90 -17.82
C GLY A 130 5.59 8.94 -18.99
N TYR A 131 4.78 9.22 -20.04
CA TYR A 131 4.80 8.41 -21.27
C TYR A 131 4.94 9.34 -22.45
N ASN A 132 5.81 8.96 -23.38
CA ASN A 132 5.96 9.69 -24.65
C ASN A 132 5.76 8.69 -25.78
N ILE A 133 5.09 9.13 -26.85
N ILE A 133 5.05 9.13 -26.83
CA ILE A 133 4.76 8.30 -28.01
CA ILE A 133 4.72 8.29 -27.98
C ILE A 133 5.93 7.50 -28.52
C ILE A 133 5.92 7.50 -28.50
N GLY A 134 5.68 6.23 -28.82
CA GLY A 134 6.76 5.34 -29.28
C GLY A 134 7.23 4.37 -28.21
N GLY A 135 6.46 4.25 -27.12
CA GLY A 135 6.77 3.29 -26.06
C GLY A 135 7.77 3.73 -25.02
N ASN A 136 7.79 5.03 -24.73
CA ASN A 136 8.82 5.61 -23.87
C ASN A 136 8.31 6.03 -22.53
N PHE A 137 8.66 5.27 -21.49
CA PHE A 137 8.26 5.60 -20.12
C PHE A 137 9.44 6.23 -19.38
N GLN A 138 9.11 7.09 -18.44
CA GLN A 138 10.12 7.75 -17.59
C GLN A 138 9.52 8.02 -16.22
N SER A 139 10.30 7.86 -15.15
CA SER A 139 9.76 8.13 -13.80
C SER A 139 10.64 9.17 -13.14
N ALA A 140 10.02 10.00 -12.29
CA ALA A 140 10.75 11.04 -11.56
C ALA A 140 10.32 10.98 -10.10
N PRO A 141 11.29 11.07 -9.15
CA PRO A 141 10.94 11.06 -7.72
C PRO A 141 10.27 12.38 -7.25
N SER A 142 9.62 13.11 -8.20
CA SER A 142 8.94 14.37 -7.88
CA SER A 142 8.94 14.35 -7.88
C SER A 142 7.64 14.61 -8.66
N ILE A 143 6.87 15.67 -8.26
CA ILE A 143 5.67 16.08 -8.92
C ILE A 143 5.89 17.49 -9.44
N GLY A 144 5.56 17.72 -10.70
CA GLY A 144 5.63 19.06 -11.30
C GLY A 144 6.90 19.39 -12.04
N GLY A 145 7.56 18.36 -12.52
CA GLY A 145 8.82 18.52 -13.22
C GLY A 145 8.76 19.11 -14.62
N ASN A 146 7.91 18.56 -15.50
CA ASN A 146 7.90 19.04 -16.88
C ASN A 146 6.58 18.85 -17.63
N GLY A 147 6.42 19.57 -18.74
CA GLY A 147 5.30 19.42 -19.66
C GLY A 147 5.77 18.71 -20.93
N SER A 148 6.81 17.87 -20.80
CA SER A 148 7.40 17.18 -21.93
C SER A 148 6.72 15.83 -22.24
N PHE A 149 5.85 15.34 -21.39
CA PHE A 149 5.23 14.03 -21.56
C PHE A 149 3.94 14.13 -22.37
N ASN A 150 3.64 13.08 -23.14
CA ASN A 150 2.33 13.02 -23.82
C ASN A 150 1.26 12.65 -22.75
N TYR A 151 1.63 11.83 -21.75
CA TYR A 151 0.68 11.46 -20.71
C TYR A 151 1.48 11.27 -19.42
N SER A 152 0.88 11.59 -18.29
CA SER A 152 1.57 11.37 -17.00
C SER A 152 0.58 10.89 -15.97
N LYS A 153 1.11 10.19 -14.98
CA LYS A 153 0.28 9.74 -13.86
C LYS A 153 1.16 9.97 -12.62
N THR A 154 0.58 10.44 -11.50
CA THR A 154 1.37 10.66 -10.31
C THR A 154 0.95 9.76 -9.15
N ILE A 155 1.85 9.63 -8.18
CA ILE A 155 1.51 8.99 -6.91
C ILE A 155 1.76 10.03 -5.80
N SER A 156 0.92 10.00 -4.77
N SER A 156 0.92 10.01 -4.78
CA SER A 156 1.11 10.91 -3.65
CA SER A 156 1.09 10.92 -3.65
C SER A 156 0.60 10.23 -2.38
C SER A 156 0.60 10.24 -2.39
N TYR A 157 1.46 10.14 -1.37
CA TYR A 157 1.03 9.60 -0.08
C TYR A 157 1.88 10.16 1.03
N THR A 158 1.34 10.05 2.28
CA THR A 158 2.04 10.48 3.49
CA THR A 158 2.03 10.49 3.49
C THR A 158 2.32 9.25 4.33
N GLN A 159 3.54 9.17 4.92
CA GLN A 159 3.95 8.01 5.70
C GLN A 159 4.75 8.44 6.92
N LYS A 160 4.19 9.40 7.71
CA LYS A 160 4.92 9.90 8.88
C LYS A 160 5.39 8.76 9.79
N SER A 161 6.68 8.75 10.11
CA SER A 161 7.34 7.75 10.99
C SER A 161 7.59 6.40 10.33
N TYR A 162 7.19 6.24 9.05
CA TYR A 162 7.36 5.00 8.29
C TYR A 162 8.23 5.25 7.05
N VAL A 163 8.77 4.17 6.50
CA VAL A 163 9.60 4.25 5.28
C VAL A 163 9.08 3.27 4.25
N SER A 164 9.26 3.58 2.98
CA SER A 164 8.74 2.72 1.92
C SER A 164 9.88 1.96 1.27
N GLU A 165 9.76 0.67 1.16
CA GLU A 165 10.77 -0.20 0.56
C GLU A 165 10.16 -1.06 -0.52
N VAL A 166 10.95 -1.40 -1.53
CA VAL A 166 10.52 -2.34 -2.54
C VAL A 166 10.96 -3.71 -1.97
N ASP A 167 9.99 -4.50 -1.54
CA ASP A 167 10.27 -5.82 -0.96
C ASP A 167 10.59 -6.87 -2.01
N LYS A 168 9.94 -6.73 -3.17
CA LYS A 168 10.16 -7.67 -4.26
C LYS A 168 9.78 -6.95 -5.54
N GLN A 169 10.59 -7.16 -6.58
CA GLN A 169 10.26 -6.60 -7.89
C GLN A 169 10.88 -7.56 -8.91
N ASN A 170 10.11 -7.89 -9.91
CA ASN A 170 10.58 -8.75 -11.02
C ASN A 170 9.58 -8.59 -12.15
N SER A 171 9.80 -9.32 -13.26
CA SER A 171 8.95 -9.16 -14.42
C SER A 171 7.51 -9.53 -14.18
N LYS A 172 7.20 -10.29 -13.11
CA LYS A 172 5.83 -10.75 -12.89
C LYS A 172 5.18 -10.18 -11.63
N SER A 173 5.97 -9.54 -10.74
CA SER A 173 5.40 -9.10 -9.47
C SER A 173 6.12 -7.91 -8.88
N VAL A 174 5.39 -7.11 -8.11
CA VAL A 174 6.02 -6.04 -7.35
C VAL A 174 5.32 -5.99 -5.99
N LYS A 175 6.11 -5.75 -4.96
CA LYS A 175 5.53 -5.64 -3.62
C LYS A 175 6.28 -4.57 -2.86
N TRP A 176 5.51 -3.61 -2.31
CA TRP A 176 6.10 -2.55 -1.47
C TRP A 176 5.72 -2.83 -0.04
N GLY A 177 6.59 -2.41 0.85
CA GLY A 177 6.31 -2.43 2.28
C GLY A 177 6.46 -1.02 2.82
N VAL A 178 5.47 -0.52 3.56
CA VAL A 178 5.58 0.81 4.20
C VAL A 178 5.69 0.43 5.67
N LYS A 179 6.89 0.55 6.19
CA LYS A 179 7.30 -0.05 7.46
C LYS A 179 7.64 0.95 8.51
N ALA A 180 7.26 0.64 9.75
CA ALA A 180 7.55 1.52 10.88
C ALA A 180 9.06 1.75 11.03
N ASN A 181 9.45 3.02 11.30
CA ASN A 181 10.85 3.36 11.31
C ASN A 181 11.29 4.10 12.57
N GLU A 182 10.81 5.31 12.79
CA GLU A 182 11.29 6.13 13.92
C GLU A 182 10.15 7.08 14.34
N PHE A 183 9.88 7.15 15.62
CA PHE A 183 8.76 7.91 16.14
C PHE A 183 9.15 9.01 17.14
N VAL A 184 8.34 10.08 17.19
CA VAL A 184 8.51 11.18 18.13
C VAL A 184 7.75 10.78 19.40
N THR A 185 8.39 10.82 20.57
CA THR A 185 7.78 10.37 21.80
C THR A 185 8.07 11.40 22.91
N PRO A 186 7.32 11.42 24.04
CA PRO A 186 7.65 12.34 25.14
C PRO A 186 9.14 12.34 25.53
N ASP A 187 9.78 11.16 25.48
CA ASP A 187 11.20 11.01 25.85
C ASP A 187 12.16 11.08 24.67
N GLY A 188 11.71 11.57 23.52
CA GLY A 188 12.56 11.72 22.35
C GLY A 188 12.27 10.70 21.27
N LYS A 189 13.19 10.59 20.30
CA LYS A 189 12.98 9.68 19.18
C LYS A 189 13.18 8.23 19.60
N LYS A 190 12.21 7.36 19.22
CA LYS A 190 12.28 5.94 19.54
C LYS A 190 12.25 5.14 18.24
N SER A 191 13.05 4.10 18.13
CA SER A 191 13.07 3.23 16.96
C SER A 191 11.81 2.40 16.97
N ALA A 192 11.40 1.96 15.75
CA ALA A 192 10.30 1.02 15.63
C ALA A 192 10.58 -0.31 16.32
N HIS A 193 11.87 -0.61 16.61
CA HIS A 193 12.28 -1.85 17.23
C HIS A 193 12.38 -1.71 18.78
N ASP A 194 12.04 -0.54 19.35
CA ASP A 194 12.13 -0.33 20.82
C ASP A 194 10.93 -1.02 21.45
N ARG A 195 11.17 -1.98 22.36
CA ARG A 195 10.06 -2.71 22.98
C ARG A 195 9.12 -1.80 23.78
N TYR A 196 9.64 -0.66 24.30
CA TYR A 196 8.82 0.28 25.05
C TYR A 196 8.14 1.34 24.14
N LEU A 197 8.20 1.18 22.81
CA LEU A 197 7.54 2.10 21.91
C LEU A 197 6.02 1.99 22.17
N PHE A 198 5.39 3.15 22.45
CA PHE A 198 3.95 3.29 22.73
C PHE A 198 3.56 2.83 24.12
N VAL A 199 4.50 2.44 24.96
CA VAL A 199 4.20 1.98 26.32
C VAL A 199 4.28 3.13 27.30
N GLN A 200 3.29 3.23 28.18
CA GLN A 200 3.32 4.26 29.23
C GLN A 200 2.73 3.70 30.51
N SER A 201 3.11 4.26 31.66
CA SER A 201 2.53 3.79 32.91
C SER A 201 1.10 4.34 33.01
N PRO A 202 0.12 3.48 33.31
CA PRO A 202 -1.28 3.94 33.43
C PRO A 202 -1.51 4.86 34.65
N ASN A 203 -2.41 5.84 34.54
CA ASN A 203 -2.69 6.74 35.67
C ASN A 203 -3.88 6.21 36.48
N GLY A 204 -3.57 5.35 37.43
CA GLY A 204 -4.55 4.71 38.29
C GLY A 204 -4.61 3.22 38.04
N PRO A 205 -4.69 2.39 39.11
CA PRO A 205 -4.88 0.94 38.89
C PRO A 205 -6.22 0.66 38.20
N THR A 206 -7.17 1.63 38.27
CA THR A 206 -8.41 1.56 37.49
C THR A 206 -8.10 1.80 35.98
N GLY A 207 -6.83 1.84 35.60
CA GLY A 207 -6.35 2.09 34.26
C GLY A 207 -6.87 1.03 33.31
N SER A 208 -7.61 1.47 32.32
CA SER A 208 -8.13 0.58 31.29
C SER A 208 -6.93 0.14 30.42
N ALA A 209 -7.15 -0.81 29.52
CA ALA A 209 -6.09 -1.27 28.61
C ALA A 209 -5.50 -0.08 27.81
N ARG A 210 -6.36 0.85 27.38
CA ARG A 210 -5.95 2.01 26.60
C ARG A 210 -4.91 2.85 27.29
N GLU A 211 -5.07 3.03 28.62
CA GLU A 211 -4.18 3.83 29.44
C GLU A 211 -2.76 3.30 29.59
N TYR A 212 -2.54 2.02 29.25
CA TYR A 212 -1.18 1.48 29.31
C TYR A 212 -0.37 1.87 28.04
N PHE A 213 -1.03 2.52 27.07
CA PHE A 213 -0.37 2.85 25.83
C PHE A 213 -0.49 4.33 25.51
N ALA A 214 0.45 4.82 24.68
CA ALA A 214 0.54 6.22 24.27
C ALA A 214 -0.79 6.75 23.76
N PRO A 215 -1.18 7.96 24.20
CA PRO A 215 -2.45 8.52 23.75
C PRO A 215 -2.47 8.81 22.24
N ASP A 216 -3.67 8.95 21.67
CA ASP A 216 -3.83 9.20 20.26
C ASP A 216 -2.99 10.36 19.71
N ASN A 217 -2.89 11.46 20.48
CA ASN A 217 -2.09 12.58 20.01
C ASN A 217 -0.59 12.27 19.84
N GLN A 218 -0.10 11.17 20.40
CA GLN A 218 1.27 10.73 20.20
C GLN A 218 1.39 9.66 19.10
N LEU A 219 0.27 9.09 18.62
CA LEU A 219 0.29 8.04 17.60
C LEU A 219 0.14 8.67 16.24
N PRO A 220 1.10 8.46 15.32
CA PRO A 220 0.96 9.05 13.98
C PRO A 220 -0.19 8.39 13.17
N PRO A 221 -0.71 9.06 12.13
CA PRO A 221 -1.83 8.47 11.34
C PRO A 221 -1.70 7.00 10.95
N LEU A 222 -0.48 6.59 10.54
CA LEU A 222 -0.32 5.18 10.12
C LEU A 222 -0.50 4.18 11.28
N VAL A 223 -0.40 4.66 12.52
CA VAL A 223 -0.65 3.78 13.67
C VAL A 223 -2.12 3.96 14.08
N GLN A 224 -2.55 5.21 14.28
CA GLN A 224 -3.90 5.46 14.78
C GLN A 224 -5.03 5.08 13.82
N SER A 225 -4.91 5.48 12.54
N SER A 225 -4.91 5.48 12.56
CA SER A 225 -5.99 5.31 11.60
CA SER A 225 -5.99 5.31 11.60
C SER A 225 -5.74 4.27 10.52
C SER A 225 -5.74 4.26 10.53
N GLY A 226 -4.68 4.45 9.75
CA GLY A 226 -4.43 3.59 8.60
C GLY A 226 -3.59 4.30 7.56
N PHE A 227 -3.54 3.69 6.38
CA PHE A 227 -2.68 4.19 5.32
C PHE A 227 -3.49 4.35 4.04
N ASN A 228 -3.21 5.42 3.28
CA ASN A 228 -3.86 5.64 1.98
C ASN A 228 -2.78 5.40 0.92
N PRO A 229 -2.70 4.17 0.35
CA PRO A 229 -1.64 3.88 -0.61
C PRO A 229 -1.74 4.77 -1.85
N SER A 230 -0.60 4.89 -2.54
CA SER A 230 -0.60 5.50 -3.88
C SER A 230 0.66 4.93 -4.56
N PHE A 231 0.44 3.87 -5.39
CA PHE A 231 1.53 3.16 -6.03
C PHE A 231 1.21 2.90 -7.48
N ILE A 232 2.23 2.83 -8.34
CA ILE A 232 1.97 2.52 -9.74
C ILE A 232 2.83 1.37 -10.24
N THR A 233 2.26 0.56 -11.12
CA THR A 233 3.08 -0.35 -11.93
C THR A 233 2.44 -0.47 -13.30
N THR A 234 3.26 -0.62 -14.34
CA THR A 234 2.71 -0.72 -15.69
C THR A 234 2.86 -2.18 -16.17
N LEU A 235 1.75 -2.72 -16.64
CA LEU A 235 1.70 -4.06 -17.23
C LEU A 235 1.92 -3.92 -18.74
N SER A 236 2.68 -4.81 -19.33
CA SER A 236 3.04 -4.79 -20.76
C SER A 236 2.56 -6.09 -21.39
N HIS A 237 2.00 -5.97 -22.58
CA HIS A 237 1.44 -7.14 -23.28
C HIS A 237 1.74 -7.00 -24.75
N GLU A 238 2.29 -8.05 -25.37
CA GLU A 238 2.59 -7.97 -26.81
C GLU A 238 1.29 -7.91 -27.60
N LYS A 239 1.18 -6.95 -28.55
CA LYS A 239 -0.05 -6.85 -29.36
C LYS A 239 -0.18 -8.13 -30.16
N GLY A 240 -1.35 -8.73 -30.12
CA GLY A 240 -1.51 -9.98 -30.88
C GLY A 240 -1.50 -11.18 -29.95
N SER A 241 -0.87 -11.09 -28.72
N SER A 241 -0.89 -11.07 -28.74
CA SER A 241 -0.93 -12.23 -27.81
CA SER A 241 -0.92 -12.19 -27.77
C SER A 241 -2.38 -12.32 -27.24
C SER A 241 -2.38 -12.33 -27.26
N SER A 242 -2.66 -13.33 -26.43
CA SER A 242 -4.03 -13.60 -25.98
C SER A 242 -4.75 -12.40 -25.38
N ASP A 243 -6.04 -12.37 -25.58
CA ASP A 243 -6.87 -11.20 -25.31
C ASP A 243 -6.83 -10.78 -23.89
N THR A 244 -6.69 -11.70 -22.94
CA THR A 244 -6.85 -11.35 -21.52
C THR A 244 -5.68 -11.78 -20.66
N SER A 245 -5.53 -11.10 -19.51
CA SER A 245 -4.55 -11.52 -18.50
C SER A 245 -5.22 -11.35 -17.15
N GLU A 246 -4.93 -12.25 -16.22
CA GLU A 246 -5.37 -12.03 -14.84
C GLU A 246 -4.20 -11.54 -14.01
N PHE A 247 -4.53 -10.78 -12.98
CA PHE A 247 -3.49 -10.35 -12.03
C PHE A 247 -4.18 -10.08 -10.71
N GLU A 248 -3.38 -10.07 -9.66
CA GLU A 248 -3.94 -9.90 -8.30
C GLU A 248 -3.32 -8.70 -7.66
N ILE A 249 -4.15 -7.93 -6.95
CA ILE A 249 -3.61 -6.79 -6.18
C ILE A 249 -3.90 -7.13 -4.72
N SER A 250 -2.88 -6.97 -3.89
CA SER A 250 -2.97 -7.25 -2.48
CA SER A 250 -2.97 -7.29 -2.48
C SER A 250 -2.64 -6.03 -1.65
N TYR A 251 -3.56 -5.74 -0.75
CA TYR A 251 -3.35 -4.65 0.21
C TYR A 251 -3.53 -5.28 1.62
N GLY A 252 -2.68 -4.89 2.56
CA GLY A 252 -2.84 -5.43 3.91
C GLY A 252 -1.80 -4.91 4.85
N ARG A 253 -1.60 -5.68 5.91
CA ARG A 253 -0.70 -5.22 6.97
C ARG A 253 -0.07 -6.40 7.65
N ASN A 254 1.05 -6.11 8.29
CA ASN A 254 1.67 -7.01 9.24
C ASN A 254 1.54 -6.30 10.58
N LEU A 255 0.99 -7.01 11.57
CA LEU A 255 0.78 -6.43 12.89
C LEU A 255 1.78 -6.93 13.91
N ASP A 256 2.23 -6.03 14.78
CA ASP A 256 3.00 -6.40 15.94
C ASP A 256 2.09 -6.32 17.17
N ILE A 257 2.51 -6.97 18.23
CA ILE A 257 1.85 -6.86 19.52
C ILE A 257 2.86 -6.28 20.49
N THR A 258 2.40 -5.33 21.29
CA THR A 258 3.19 -4.85 22.43
C THR A 258 2.40 -5.20 23.67
N TYR A 259 3.00 -5.98 24.55
CA TYR A 259 2.39 -6.35 25.82
C TYR A 259 3.00 -5.46 26.91
N ALA A 260 2.18 -4.91 27.78
CA ALA A 260 2.68 -4.05 28.85
C ALA A 260 2.09 -4.59 30.13
N THR A 261 2.97 -4.86 31.11
CA THR A 261 2.57 -5.41 32.41
C THR A 261 2.96 -4.45 33.49
N LEU A 262 2.02 -4.13 34.37
CA LEU A 262 2.34 -3.25 35.49
C LEU A 262 2.68 -4.11 36.71
N PHE A 263 3.97 -4.13 37.09
CA PHE A 263 4.43 -4.90 38.25
C PHE A 263 4.30 -4.08 39.54
N PRO A 264 3.98 -4.77 40.67
CA PRO A 264 3.78 -4.05 41.93
C PRO A 264 4.86 -3.04 42.34
N ARG A 265 6.16 -3.41 42.32
CA ARG A 265 7.20 -2.48 42.79
C ARG A 265 8.20 -2.03 41.71
N THR A 266 8.33 -2.77 40.59
CA THR A 266 9.28 -2.37 39.56
C THR A 266 8.66 -1.55 38.41
N GLY A 267 7.33 -1.38 38.41
CA GLY A 267 6.67 -0.57 37.40
C GLY A 267 6.30 -1.26 36.11
N ILE A 268 6.24 -0.48 35.03
CA ILE A 268 5.84 -0.92 33.70
C ILE A 268 6.91 -1.79 33.02
N TYR A 269 6.49 -2.94 32.48
CA TYR A 269 7.40 -3.85 31.82
C TYR A 269 6.83 -4.17 30.44
N ALA A 270 7.65 -4.09 29.41
CA ALA A 270 7.13 -4.33 28.05
C ALA A 270 7.82 -5.42 27.30
N GLU A 271 7.06 -6.11 26.45
CA GLU A 271 7.58 -7.16 25.59
C GLU A 271 6.91 -6.99 24.22
N ARG A 272 7.68 -7.13 23.18
CA ARG A 272 7.15 -7.02 21.83
C ARG A 272 7.12 -8.37 21.16
N LYS A 273 6.06 -8.67 20.45
N LYS A 273 6.03 -8.69 20.49
CA LYS A 273 5.99 -9.84 19.62
CA LYS A 273 5.95 -9.82 19.59
C LYS A 273 5.99 -9.27 18.20
C LYS A 273 6.01 -9.18 18.21
N HIS A 274 7.17 -9.26 17.55
CA HIS A 274 7.33 -8.69 16.24
C HIS A 274 6.81 -9.65 15.19
N ASN A 275 6.17 -9.12 14.15
CA ASN A 275 5.59 -9.98 13.11
C ASN A 275 4.59 -10.96 13.72
N ALA A 276 3.73 -10.40 14.59
CA ALA A 276 2.77 -11.19 15.31
C ALA A 276 1.71 -11.73 14.39
N PHE A 277 1.20 -10.91 13.49
CA PHE A 277 0.21 -11.35 12.49
C PHE A 277 0.73 -10.87 11.16
N VAL A 278 1.24 -11.78 10.34
CA VAL A 278 1.80 -11.34 9.05
CA VAL A 278 1.83 -11.40 9.06
C VAL A 278 0.88 -11.61 7.92
N ASN A 279 0.96 -10.72 6.93
CA ASN A 279 0.22 -10.86 5.71
C ASN A 279 -1.30 -10.96 5.90
N ARG A 280 -1.85 -10.05 6.72
N ARG A 280 -1.83 -10.02 6.69
CA ARG A 280 -3.30 -9.95 6.88
CA ARG A 280 -3.27 -9.86 6.89
C ARG A 280 -3.71 -9.03 5.72
C ARG A 280 -3.69 -9.02 5.70
N ASN A 281 -3.90 -9.67 4.56
CA ASN A 281 -4.11 -8.96 3.32
C ASN A 281 -5.38 -9.32 2.61
N PHE A 282 -5.93 -8.31 1.94
CA PHE A 282 -7.09 -8.47 1.07
C PHE A 282 -6.56 -8.54 -0.35
N VAL A 283 -6.81 -9.70 -0.97
CA VAL A 283 -6.30 -9.93 -2.33
C VAL A 283 -7.47 -9.95 -3.29
N VAL A 284 -7.41 -9.12 -4.34
CA VAL A 284 -8.46 -9.09 -5.34
C VAL A 284 -7.88 -9.51 -6.67
N ARG A 285 -8.60 -10.39 -7.38
CA ARG A 285 -8.13 -10.82 -8.71
C ARG A 285 -8.90 -10.03 -9.76
N TYR A 286 -8.16 -9.46 -10.71
CA TYR A 286 -8.72 -8.70 -11.81
C TYR A 286 -8.38 -9.36 -13.12
N GLU A 287 -9.17 -9.06 -14.12
CA GLU A 287 -8.87 -9.51 -15.47
C GLU A 287 -8.80 -8.30 -16.36
N VAL A 288 -7.72 -8.19 -17.15
CA VAL A 288 -7.64 -7.13 -18.15
CA VAL A 288 -7.57 -7.15 -18.17
C VAL A 288 -7.93 -7.78 -19.49
N ASN A 289 -8.76 -7.12 -20.30
CA ASN A 289 -9.03 -7.58 -21.64
C ASN A 289 -8.35 -6.54 -22.52
N TRP A 290 -7.21 -6.91 -23.15
CA TRP A 290 -6.41 -6.02 -23.96
C TRP A 290 -7.09 -5.67 -25.28
N LYS A 291 -7.96 -6.55 -25.77
CA LYS A 291 -8.63 -6.38 -27.04
C LYS A 291 -9.77 -5.36 -26.87
N THR A 292 -10.58 -5.52 -25.84
CA THR A 292 -11.71 -4.60 -25.62
C THR A 292 -11.35 -3.43 -24.70
N HIS A 293 -10.13 -3.40 -24.14
CA HIS A 293 -9.70 -2.33 -23.23
C HIS A 293 -10.65 -2.25 -22.03
N GLU A 294 -10.88 -3.40 -21.39
N GLU A 294 -10.89 -3.41 -21.38
CA GLU A 294 -11.78 -3.45 -20.24
CA GLU A 294 -11.81 -3.50 -20.25
C GLU A 294 -11.10 -4.12 -19.07
C GLU A 294 -11.21 -4.23 -19.06
N ILE A 295 -11.65 -3.89 -17.85
CA ILE A 295 -11.20 -4.50 -16.64
C ILE A 295 -12.42 -5.10 -15.98
N LYS A 296 -12.24 -6.29 -15.41
CA LYS A 296 -13.28 -6.88 -14.58
C LYS A 296 -12.71 -7.44 -13.30
N VAL A 297 -13.50 -7.41 -12.25
CA VAL A 297 -13.13 -8.00 -10.98
C VAL A 297 -13.56 -9.48 -11.05
N LYS A 298 -12.67 -10.41 -10.74
CA LYS A 298 -12.97 -11.83 -10.77
C LYS A 298 -13.32 -12.34 -9.38
N GLY A 299 -14.19 -13.34 -9.31
CA GLY A 299 -14.60 -13.91 -8.03
C GLY A 299 -15.65 -13.07 -7.32
N ASP B 2 -10.72 -7.10 16.15
CA ASP B 2 -10.15 -7.12 17.50
C ASP B 2 -9.49 -8.43 17.85
N ASP B 4 -10.70 -11.33 18.60
CA ASP B 4 -11.38 -12.00 19.73
C ASP B 4 -10.69 -11.69 21.07
N GLY B 6 -11.30 -8.25 22.30
CA GLY B 6 -12.17 -7.19 22.78
C GLY B 6 -13.52 -7.72 23.21
#